data_7W1J
#
_entry.id   7W1J
#
_cell.length_a   55.438
_cell.length_b   79.943
_cell.length_c   113.007
_cell.angle_alpha   90.000
_cell.angle_beta   90.000
_cell.angle_gamma   90.000
#
_symmetry.space_group_name_H-M   'P 21 21 21'
#
loop_
_entity.id
_entity.type
_entity.pdbx_description
1 polymer Carboxylesterase
2 non-polymer '4-(2-hydroxyethylcarbamoyl)benzoic acid'
3 water water
#
_entity_poly.entity_id   1
_entity_poly.type   'polypeptide(L)'
_entity_poly.pdbx_seq_one_letter_code
;MEIVIRTGSGDVRGSKENGIAVFRGIPYAEPPVGAHRFTAPRPPRPWDGVRDATEFSATAPRPPYPEAIGALLIERFIPG
DDYLTLNVWTPDPNAVGLPVMVWIHGGAFTNGSGSEPVYDGAAFARDGVVFVSFNYRLGIIGFADLPDAPSNRGLLDQIA
ALEWVRDNIARFGGDPGNVTVFGESAGAMSVCTLMATPRARGLFRRAILQSGAGNMAVAAEDATTIAAVIAHRLGVEPTA
AALAHVPVAQLLDVQQQVAQEIQGAPDPAVWGERIAGGSVLLPFAPVIDGELLSQRPAEAIAGGAGHDVDLLFGTTTDEY
RLFLAPTGLLPFITSDYVTAHLAKSGLDADAAKAYTAEGRGEEPGDILASIITDQVFRIPALRIAESRVDAPARTFGYEF
AWRTPQLDGILGACHAVELPFVFRTLDRAASLVGTNPPEELAETVHNAWVRFATSGDPGWPAWNPETRSVMRFDHPVSEM
VTDPYPATRALWDGVPL
;
_entity_poly.pdbx_strand_id   A
#
loop_
_chem_comp.id
_chem_comp.type
_chem_comp.name
_chem_comp.formula
J1K non-polymer '4-(2-hydroxyethylcarbamoyl)benzoic acid' 'C10 H11 N O4'
#
# COMPACT_ATOMS: atom_id res chain seq x y z
N GLU A 2 -17.65 6.63 27.72
CA GLU A 2 -18.44 6.17 26.60
C GLU A 2 -19.01 7.33 25.77
N ILE A 3 -19.07 7.14 24.46
CA ILE A 3 -19.55 8.16 23.54
C ILE A 3 -20.28 7.46 22.39
N VAL A 4 -21.53 7.84 22.15
CA VAL A 4 -22.42 7.15 21.23
C VAL A 4 -22.67 8.07 20.03
N ILE A 5 -22.38 7.57 18.84
CA ILE A 5 -22.56 8.31 17.59
C ILE A 5 -23.48 7.51 16.68
N ARG A 6 -24.45 8.20 16.07
CA ARG A 6 -25.39 7.57 15.16
C ARG A 6 -24.81 7.60 13.75
N THR A 7 -24.38 6.44 13.26
CA THR A 7 -24.04 6.33 11.86
C THR A 7 -25.31 6.31 11.02
N GLY A 8 -25.14 6.33 9.70
CA GLY A 8 -26.27 6.27 8.80
C GLY A 8 -27.08 4.98 8.92
N SER A 9 -26.59 4.00 9.69
CA SER A 9 -27.23 2.70 9.79
C SER A 9 -27.40 2.21 11.23
N GLY A 10 -27.16 3.06 12.21
CA GLY A 10 -27.32 2.68 13.60
C GLY A 10 -26.28 3.31 14.49
N ASP A 11 -26.60 3.41 15.77
CA ASP A 11 -25.71 3.99 16.76
C ASP A 11 -24.53 3.07 17.03
N VAL A 12 -23.38 3.67 17.36
CA VAL A 12 -22.17 2.94 17.76
C VAL A 12 -21.62 3.59 19.02
N ARG A 13 -21.06 2.77 19.92
CA ARG A 13 -20.47 3.26 21.16
C ARG A 13 -18.95 3.21 21.06
N GLY A 14 -18.32 4.39 21.11
CA GLY A 14 -16.89 4.50 21.17
C GLY A 14 -16.40 4.91 22.54
N SER A 15 -15.16 5.37 22.59
CA SER A 15 -14.50 5.75 23.84
C SER A 15 -13.84 7.10 23.68
N LYS A 16 -14.01 7.97 24.67
CA LYS A 16 -13.35 9.27 24.70
C LYS A 16 -12.33 9.25 25.84
N GLU A 17 -11.05 9.06 25.50
CA GLU A 17 -9.98 9.13 26.47
C GLU A 17 -8.82 9.98 25.96
N ASN A 18 -8.16 10.67 26.90
CA ASN A 18 -6.95 11.47 26.66
C ASN A 18 -7.18 12.51 25.55
N GLY A 19 -8.37 13.09 25.55
CA GLY A 19 -8.71 14.17 24.65
C GLY A 19 -9.19 13.76 23.28
N ILE A 20 -9.41 12.47 23.02
CA ILE A 20 -9.65 11.97 21.67
C ILE A 20 -10.74 10.89 21.71
N ALA A 21 -11.72 11.00 20.82
CA ALA A 21 -12.75 9.97 20.67
C ALA A 21 -12.34 8.95 19.62
N VAL A 22 -12.46 7.66 19.96
CA VAL A 22 -11.93 6.55 19.16
C VAL A 22 -13.01 5.48 18.99
N PHE A 23 -13.32 5.13 17.74
CA PHE A 23 -14.29 4.09 17.42
C PHE A 23 -13.59 2.99 16.65
N ARG A 24 -13.69 1.77 17.14
CA ARG A 24 -13.01 0.62 16.54
C ARG A 24 -14.04 -0.41 16.08
N GLY A 25 -13.80 -0.95 14.89
CA GLY A 25 -14.60 -2.07 14.41
C GLY A 25 -15.99 -1.74 13.89
N ILE A 26 -16.18 -0.57 13.30
CA ILE A 26 -17.47 -0.24 12.69
C ILE A 26 -17.58 -1.03 11.40
N PRO A 27 -18.57 -1.91 11.26
CA PRO A 27 -18.71 -2.66 9.99
C PRO A 27 -19.15 -1.73 8.86
N TYR A 28 -18.55 -1.94 7.69
CA TYR A 28 -19.02 -1.29 6.47
C TYR A 28 -19.48 -2.27 5.42
N ALA A 29 -19.29 -3.58 5.65
CA ALA A 29 -19.70 -4.63 4.72
C ALA A 29 -19.99 -5.89 5.50
N GLU A 30 -20.93 -6.68 5.00
CA GLU A 30 -21.37 -7.88 5.70
C GLU A 30 -20.22 -8.90 5.68
N PRO A 31 -20.17 -9.80 6.68
CA PRO A 31 -19.11 -10.79 6.72
C PRO A 31 -19.01 -11.59 5.43
N PRO A 32 -17.80 -11.66 4.82
CA PRO A 32 -17.61 -12.38 3.53
C PRO A 32 -17.34 -13.87 3.73
N VAL A 33 -18.38 -14.58 4.15
CA VAL A 33 -18.28 -15.97 4.59
C VAL A 33 -18.72 -16.90 3.46
N GLY A 34 -17.97 -17.97 3.24
CA GLY A 34 -18.41 -18.98 2.29
C GLY A 34 -18.43 -18.47 0.87
N ALA A 35 -19.60 -18.54 0.21
CA ALA A 35 -19.71 -18.00 -1.14
C ALA A 35 -19.47 -16.50 -1.17
N HIS A 36 -19.79 -15.80 -0.06
CA HIS A 36 -19.58 -14.35 0.00
C HIS A 36 -18.11 -13.95 0.19
N ARG A 37 -17.19 -14.91 0.28
CA ARG A 37 -15.79 -14.58 0.05
C ARG A 37 -15.62 -13.87 -1.28
N PHE A 38 -16.46 -14.19 -2.25
CA PHE A 38 -16.25 -13.82 -3.63
C PHE A 38 -17.33 -12.90 -4.21
N THR A 39 -18.28 -12.44 -3.41
CA THR A 39 -19.28 -11.53 -3.91
C THR A 39 -18.87 -10.07 -3.66
N ALA A 40 -19.57 -9.16 -4.31
CA ALA A 40 -19.36 -7.74 -4.03
C ALA A 40 -19.72 -7.45 -2.59
N PRO A 41 -19.06 -6.46 -1.96
CA PRO A 41 -19.35 -6.14 -0.56
C PRO A 41 -20.81 -5.75 -0.37
N ARG A 42 -21.40 -6.21 0.74
CA ARG A 42 -22.82 -5.97 1.01
C ARG A 42 -22.96 -5.01 2.17
N PRO A 43 -23.75 -3.94 2.05
CA PRO A 43 -23.90 -3.00 3.17
C PRO A 43 -24.40 -3.73 4.42
N PRO A 44 -23.91 -3.36 5.59
CA PRO A 44 -24.31 -4.07 6.81
C PRO A 44 -25.81 -3.94 7.05
N ARG A 45 -26.38 -5.00 7.61
CA ARG A 45 -27.78 -5.01 7.98
C ARG A 45 -28.05 -3.94 9.03
N PRO A 46 -28.93 -2.97 8.78
CA PRO A 46 -29.26 -1.98 9.81
C PRO A 46 -29.57 -2.62 11.15
N TRP A 47 -29.35 -1.87 12.23
CA TRP A 47 -29.56 -2.37 13.58
C TRP A 47 -30.24 -1.31 14.43
N ASP A 48 -30.96 -1.77 15.43
CA ASP A 48 -31.52 -0.93 16.48
C ASP A 48 -30.67 -1.06 17.73
N GLY A 49 -30.71 -0.04 18.56
CA GLY A 49 -29.84 -0.05 19.71
C GLY A 49 -28.44 0.42 19.35
N VAL A 50 -27.47 0.01 20.15
CA VAL A 50 -26.11 0.53 20.04
C VAL A 50 -25.18 -0.65 19.81
N ARG A 51 -24.43 -0.60 18.71
CA ARG A 51 -23.37 -1.56 18.49
C ARG A 51 -22.10 -1.12 19.21
N ASP A 52 -21.48 -2.05 19.90
CA ASP A 52 -20.23 -1.72 20.57
C ASP A 52 -19.11 -1.53 19.54
N ALA A 53 -18.40 -0.42 19.66
CA ALA A 53 -17.29 -0.08 18.77
C ALA A 53 -16.08 0.37 19.58
N THR A 54 -15.74 -0.41 20.60
CA THR A 54 -14.60 -0.13 21.46
C THR A 54 -13.39 -1.01 21.18
N GLU A 55 -13.55 -2.05 20.36
CA GLU A 55 -12.50 -3.03 20.14
C GLU A 55 -12.30 -3.28 18.65
N PHE A 56 -11.05 -3.42 18.22
CA PHE A 56 -10.79 -3.72 16.82
C PHE A 56 -11.50 -5.02 16.45
N SER A 57 -11.92 -5.11 15.19
CA SER A 57 -12.56 -6.35 14.73
C SER A 57 -11.53 -7.40 14.34
N ALA A 58 -12.04 -8.60 14.02
CA ALA A 58 -11.24 -9.59 13.31
C ALA A 58 -10.55 -8.95 12.11
N THR A 59 -9.42 -9.53 11.70
CA THR A 59 -8.71 -9.09 10.51
C THR A 59 -8.87 -10.12 9.39
N ALA A 60 -8.47 -9.73 8.18
CA ALA A 60 -8.67 -10.60 7.04
C ALA A 60 -7.70 -11.79 7.08
N PRO A 61 -8.11 -12.94 6.58
CA PRO A 61 -7.23 -14.12 6.62
C PRO A 61 -5.91 -13.85 5.89
N ARG A 62 -4.80 -14.21 6.53
CA ARG A 62 -3.50 -14.00 5.90
C ARG A 62 -2.53 -15.08 6.35
N PRO A 63 -1.61 -15.47 5.48
CA PRO A 63 -0.55 -16.37 5.91
C PRO A 63 0.54 -15.57 6.59
N PRO A 64 1.39 -16.21 7.39
CA PRO A 64 2.54 -15.48 7.96
C PRO A 64 3.42 -14.88 6.87
N TYR A 65 4.05 -13.75 7.21
CA TYR A 65 5.14 -13.26 6.39
C TYR A 65 6.24 -14.31 6.36
N PRO A 66 7.06 -14.32 5.31
CA PRO A 66 8.31 -15.09 5.38
C PRO A 66 9.06 -14.74 6.66
N GLU A 67 9.80 -15.71 7.18
CA GLU A 67 10.35 -15.57 8.54
C GLU A 67 11.21 -14.32 8.68
N ALA A 68 12.11 -14.06 7.74
CA ALA A 68 13.03 -12.93 7.88
C ALA A 68 12.28 -11.60 7.87
N ILE A 69 11.47 -11.36 6.83
CA ILE A 69 10.58 -10.19 6.80
C ILE A 69 9.72 -10.13 8.05
N GLY A 70 9.06 -11.24 8.39
CA GLY A 70 8.16 -11.28 9.51
C GLY A 70 8.80 -10.88 10.83
N ALA A 71 10.11 -11.07 10.95
CA ALA A 71 10.80 -10.62 12.15
C ALA A 71 10.87 -9.11 12.24
N LEU A 72 10.77 -8.41 11.10
CA LEU A 72 10.88 -6.95 11.06
C LEU A 72 9.51 -6.28 11.12
N LEU A 73 8.53 -6.87 10.47
CA LEU A 73 7.14 -6.42 10.42
C LEU A 73 6.30 -7.43 11.19
N ILE A 74 6.09 -7.19 12.48
CA ILE A 74 5.36 -8.13 13.34
C ILE A 74 3.87 -7.82 13.25
N GLU A 75 3.12 -8.70 12.58
CA GLU A 75 1.71 -8.42 12.37
C GLU A 75 0.91 -8.84 13.59
N ARG A 76 -0.25 -8.20 13.76
CA ARG A 76 -1.16 -8.50 14.86
C ARG A 76 -2.42 -9.08 14.26
N PHE A 77 -2.60 -10.39 14.42
CA PHE A 77 -3.78 -11.09 13.90
C PHE A 77 -4.90 -11.01 14.92
N ILE A 78 -6.14 -10.87 14.43
CA ILE A 78 -7.31 -10.91 15.28
C ILE A 78 -8.30 -11.91 14.69
N PRO A 79 -8.69 -12.96 15.42
CA PRO A 79 -9.56 -13.98 14.84
C PRO A 79 -10.99 -13.48 14.63
N GLY A 80 -11.69 -14.17 13.73
CA GLY A 80 -13.11 -13.93 13.54
C GLY A 80 -13.52 -13.87 12.08
N ASP A 81 -14.82 -13.75 11.82
CA ASP A 81 -15.37 -13.73 10.48
C ASP A 81 -15.74 -12.33 10.01
N ASP A 82 -16.00 -11.43 10.95
CA ASP A 82 -16.58 -10.11 10.68
C ASP A 82 -15.46 -9.08 10.62
N TYR A 83 -14.74 -9.10 9.48
CA TYR A 83 -13.50 -8.32 9.39
C TYR A 83 -13.55 -7.13 8.44
N LEU A 84 -14.64 -6.94 7.70
CA LEU A 84 -14.72 -5.80 6.81
C LEU A 84 -15.26 -4.61 7.59
N THR A 85 -14.40 -4.08 8.46
CA THR A 85 -14.72 -2.99 9.39
C THR A 85 -13.71 -1.86 9.24
N LEU A 86 -14.08 -0.69 9.76
CA LEU A 86 -13.24 0.50 9.74
C LEU A 86 -13.18 1.11 11.14
N ASN A 87 -12.22 2.01 11.35
CA ASN A 87 -11.93 2.59 12.65
C ASN A 87 -11.79 4.10 12.47
N VAL A 88 -12.26 4.88 13.45
CA VAL A 88 -12.24 6.34 13.34
C VAL A 88 -11.63 6.92 14.61
N TRP A 89 -10.71 7.88 14.45
CA TRP A 89 -10.22 8.74 15.51
C TRP A 89 -10.59 10.18 15.16
N THR A 90 -11.25 10.88 16.08
CA THR A 90 -11.53 12.29 15.90
C THR A 90 -11.37 13.03 17.23
N PRO A 91 -10.91 14.28 17.19
CA PRO A 91 -10.79 15.03 18.45
C PRO A 91 -12.14 15.46 18.99
N ASP A 92 -13.13 15.63 18.12
CA ASP A 92 -14.46 15.99 18.58
C ASP A 92 -15.48 15.58 17.53
N PRO A 93 -16.29 14.55 17.81
CA PRO A 93 -17.32 14.14 16.86
C PRO A 93 -18.25 15.25 16.42
N ASN A 94 -18.48 16.26 17.26
CA ASN A 94 -19.41 17.35 16.94
C ASN A 94 -18.71 18.55 16.31
N ALA A 95 -17.42 18.45 16.01
CA ALA A 95 -16.76 19.51 15.26
C ALA A 95 -17.33 19.56 13.84
N VAL A 96 -16.99 20.63 13.13
CA VAL A 96 -17.44 20.80 11.74
C VAL A 96 -16.22 21.02 10.86
N GLY A 97 -16.17 20.31 9.74
CA GLY A 97 -15.24 20.62 8.68
C GLY A 97 -13.80 20.18 8.86
N LEU A 98 -13.53 19.16 9.66
CA LEU A 98 -12.15 18.71 9.83
C LEU A 98 -11.65 18.00 8.58
N PRO A 99 -10.37 18.17 8.24
CA PRO A 99 -9.77 17.32 7.20
C PRO A 99 -9.89 15.87 7.63
N VAL A 100 -10.07 15.00 6.64
CA VAL A 100 -10.19 13.56 6.86
C VAL A 100 -9.05 12.86 6.13
N MET A 101 -8.35 11.97 6.82
CA MET A 101 -7.39 11.09 6.16
C MET A 101 -7.88 9.65 6.24
N VAL A 102 -7.81 8.94 5.11
CA VAL A 102 -8.23 7.54 5.02
C VAL A 102 -7.02 6.70 4.59
N TRP A 103 -6.61 5.79 5.48
CA TRP A 103 -5.40 4.98 5.28
C TRP A 103 -5.77 3.66 4.63
N ILE A 104 -5.04 3.30 3.58
CA ILE A 104 -5.13 1.99 2.95
C ILE A 104 -3.81 1.27 3.20
N HIS A 105 -3.85 0.23 4.03
CA HIS A 105 -2.62 -0.47 4.43
C HIS A 105 -2.00 -1.24 3.27
N GLY A 106 -0.67 -1.43 3.36
CA GLY A 106 0.06 -2.26 2.42
C GLY A 106 0.27 -3.68 2.92
N GLY A 107 1.07 -4.43 2.18
CA GLY A 107 1.34 -5.82 2.53
C GLY A 107 1.20 -6.78 1.36
N ALA A 108 1.60 -6.32 0.17
CA ALA A 108 1.70 -7.14 -1.04
C ALA A 108 0.36 -7.72 -1.48
N PHE A 109 -0.75 -7.13 -1.03
CA PHE A 109 -2.12 -7.56 -1.30
C PHE A 109 -2.46 -8.88 -0.62
N THR A 110 -1.55 -9.42 0.20
CA THR A 110 -1.75 -10.69 0.90
C THR A 110 -1.76 -10.54 2.42
N ASN A 111 -1.15 -9.49 2.95
CA ASN A 111 -0.90 -9.30 4.37
C ASN A 111 -1.31 -7.89 4.74
N GLY A 112 -1.22 -7.56 6.04
CA GLY A 112 -1.60 -6.27 6.55
C GLY A 112 -3.03 -6.26 7.06
N SER A 113 -3.34 -5.21 7.81
CA SER A 113 -4.69 -4.92 8.28
C SER A 113 -4.76 -3.44 8.61
N GLY A 114 -5.98 -2.92 8.67
CA GLY A 114 -6.07 -1.51 9.05
C GLY A 114 -5.75 -1.26 10.51
N SER A 115 -5.86 -2.28 11.36
CA SER A 115 -5.74 -2.07 12.81
C SER A 115 -4.36 -2.37 13.37
N GLU A 116 -3.32 -2.57 12.54
CA GLU A 116 -2.00 -2.84 13.08
C GLU A 116 -1.61 -1.72 14.05
N PRO A 117 -0.91 -2.04 15.15
CA PRO A 117 -0.57 -1.00 16.12
C PRO A 117 0.17 0.19 15.52
N VAL A 118 1.06 -0.05 14.55
CA VAL A 118 1.82 1.07 13.97
C VAL A 118 0.92 2.07 13.23
N TYR A 119 -0.32 1.70 12.90
CA TYR A 119 -1.23 2.58 12.18
C TYR A 119 -2.20 3.31 13.10
N ASP A 120 -1.85 3.48 14.38
CA ASP A 120 -2.71 4.18 15.31
C ASP A 120 -2.97 5.60 14.85
N GLY A 121 -4.23 6.02 14.92
CA GLY A 121 -4.60 7.33 14.42
C GLY A 121 -4.60 8.47 15.42
N ALA A 122 -4.19 8.25 16.68
CA ALA A 122 -4.35 9.29 17.70
C ALA A 122 -3.54 10.54 17.38
N ALA A 123 -2.34 10.38 16.82
CA ALA A 123 -1.51 11.55 16.55
C ALA A 123 -2.16 12.46 15.51
N PHE A 124 -2.87 11.88 14.54
CA PHE A 124 -3.57 12.71 13.56
C PHE A 124 -4.74 13.43 14.21
N ALA A 125 -5.50 12.74 15.06
CA ALA A 125 -6.64 13.36 15.74
C ALA A 125 -6.21 14.52 16.63
N ARG A 126 -5.10 14.37 17.34
CA ARG A 126 -4.60 15.45 18.19
C ARG A 126 -4.11 16.64 17.39
N ASP A 127 -3.80 16.45 16.11
CA ASP A 127 -3.46 17.56 15.23
C ASP A 127 -4.68 18.09 14.47
N GLY A 128 -5.88 17.69 14.86
CA GLY A 128 -7.06 18.24 14.24
C GLY A 128 -7.52 17.58 12.96
N VAL A 129 -7.15 16.32 12.73
CA VAL A 129 -7.55 15.59 11.54
C VAL A 129 -8.33 14.36 11.97
N VAL A 130 -9.40 14.04 11.25
CA VAL A 130 -10.17 12.82 11.49
C VAL A 130 -9.50 11.70 10.70
N PHE A 131 -9.13 10.63 11.39
CA PHE A 131 -8.36 9.57 10.75
C PHE A 131 -9.20 8.31 10.67
N VAL A 132 -9.18 7.67 9.50
CA VAL A 132 -9.94 6.45 9.21
C VAL A 132 -8.99 5.35 8.73
N SER A 133 -9.12 4.16 9.28
CA SER A 133 -8.41 2.99 8.76
C SER A 133 -9.42 1.85 8.65
N PHE A 134 -9.08 0.83 7.85
CA PHE A 134 -10.03 -0.24 7.59
C PHE A 134 -9.33 -1.49 7.06
N ASN A 135 -10.05 -2.62 7.11
CA ASN A 135 -9.64 -3.86 6.51
C ASN A 135 -10.34 -4.05 5.18
N TYR A 136 -9.63 -4.66 4.23
CA TYR A 136 -10.19 -5.05 2.94
C TYR A 136 -9.73 -6.47 2.62
N ARG A 137 -10.43 -7.13 1.70
CA ARG A 137 -10.15 -8.54 1.45
C ARG A 137 -8.80 -8.71 0.75
N LEU A 138 -8.09 -9.78 1.11
CA LEU A 138 -6.70 -10.01 0.72
C LEU A 138 -6.53 -11.36 0.03
N GLY A 139 -5.42 -11.51 -0.70
CA GLY A 139 -5.00 -12.81 -1.20
C GLY A 139 -5.95 -13.37 -2.25
N ILE A 140 -6.17 -14.69 -2.16
CA ILE A 140 -7.13 -15.37 -3.05
C ILE A 140 -8.51 -14.74 -2.90
N ILE A 141 -8.96 -14.60 -1.65
CA ILE A 141 -10.30 -14.08 -1.39
C ILE A 141 -10.46 -12.68 -1.95
N GLY A 142 -9.44 -11.84 -1.81
CA GLY A 142 -9.53 -10.48 -2.30
C GLY A 142 -9.33 -10.34 -3.79
N PHE A 143 -8.44 -11.14 -4.38
CA PHE A 143 -7.99 -10.78 -5.72
C PHE A 143 -7.85 -11.89 -6.74
N ALA A 144 -7.92 -13.19 -6.37
CA ALA A 144 -7.84 -14.25 -7.37
C ALA A 144 -8.96 -14.08 -8.37
N ASP A 145 -8.65 -14.26 -9.66
CA ASP A 145 -9.65 -14.03 -10.69
C ASP A 145 -10.34 -15.33 -11.05
N LEU A 146 -11.66 -15.31 -11.01
CA LEU A 146 -12.45 -16.50 -11.22
C LEU A 146 -13.59 -16.17 -12.19
N PRO A 147 -13.96 -17.10 -13.07
CA PRO A 147 -14.98 -16.78 -14.08
C PRO A 147 -16.34 -16.45 -13.50
N ASP A 148 -16.68 -16.97 -12.32
CA ASP A 148 -18.00 -16.79 -11.72
C ASP A 148 -18.00 -15.85 -10.51
N ALA A 149 -17.15 -14.83 -10.53
CA ALA A 149 -17.14 -13.83 -9.45
C ALA A 149 -16.63 -12.50 -9.98
N PRO A 150 -17.12 -11.38 -9.46
CA PRO A 150 -16.55 -10.08 -9.85
C PRO A 150 -15.10 -10.00 -9.41
N SER A 151 -14.27 -9.39 -10.25
CA SER A 151 -12.85 -9.25 -10.00
C SER A 151 -12.58 -8.25 -8.87
N ASN A 152 -11.42 -8.41 -8.25
CA ASN A 152 -10.86 -7.39 -7.36
C ASN A 152 -11.84 -6.97 -6.26
N ARG A 153 -12.29 -7.98 -5.52
CA ARG A 153 -13.10 -7.74 -4.33
C ARG A 153 -12.42 -6.79 -3.37
N GLY A 154 -11.10 -6.94 -3.20
CA GLY A 154 -10.39 -6.07 -2.28
C GLY A 154 -10.51 -4.61 -2.66
N LEU A 155 -10.50 -4.32 -3.97
CA LEU A 155 -10.68 -2.95 -4.44
C LEU A 155 -12.12 -2.50 -4.27
N LEU A 156 -13.08 -3.41 -4.51
CA LEU A 156 -14.49 -3.10 -4.24
C LEU A 156 -14.69 -2.76 -2.77
N ASP A 157 -14.02 -3.50 -1.88
CA ASP A 157 -14.08 -3.18 -0.45
C ASP A 157 -13.57 -1.76 -0.17
N GLN A 158 -12.43 -1.40 -0.77
CA GLN A 158 -11.87 -0.07 -0.52
C GLN A 158 -12.82 1.02 -0.98
N ILE A 159 -13.48 0.83 -2.12
CA ILE A 159 -14.48 1.78 -2.56
C ILE A 159 -15.65 1.85 -1.58
N ALA A 160 -16.07 0.70 -1.06
CA ALA A 160 -17.18 0.69 -0.10
C ALA A 160 -16.82 1.46 1.17
N ALA A 161 -15.58 1.30 1.65
CA ALA A 161 -15.15 1.99 2.86
C ALA A 161 -15.08 3.50 2.64
N LEU A 162 -14.63 3.91 1.46
CA LEU A 162 -14.55 5.33 1.16
C LEU A 162 -15.95 5.93 0.98
N GLU A 163 -16.90 5.11 0.50
CA GLU A 163 -18.29 5.54 0.41
C GLU A 163 -18.94 5.65 1.78
N TRP A 164 -18.54 4.80 2.71
CA TRP A 164 -18.99 4.96 4.09
C TRP A 164 -18.49 6.28 4.66
N VAL A 165 -17.22 6.62 4.39
CA VAL A 165 -16.66 7.88 4.87
C VAL A 165 -17.41 9.06 4.28
N ARG A 166 -17.67 9.02 2.96
CA ARG A 166 -18.48 10.06 2.32
C ARG A 166 -19.80 10.25 3.05
N ASP A 167 -20.51 9.16 3.31
CA ASP A 167 -21.87 9.25 3.82
C ASP A 167 -21.98 9.31 5.34
N ASN A 168 -20.86 9.21 6.07
CA ASN A 168 -20.92 9.15 7.53
C ASN A 168 -19.94 10.07 8.26
N ILE A 169 -18.85 10.50 7.63
CA ILE A 169 -17.77 11.11 8.39
C ILE A 169 -18.17 12.45 9.01
N ALA A 170 -19.18 13.14 8.45
CA ALA A 170 -19.61 14.40 9.05
C ALA A 170 -20.14 14.19 10.45
N ARG A 171 -20.73 13.02 10.71
CA ARG A 171 -21.17 12.67 12.06
C ARG A 171 -20.01 12.45 13.01
N PHE A 172 -18.78 12.33 12.51
CA PHE A 172 -17.61 12.20 13.37
C PHE A 172 -16.73 13.45 13.34
N GLY A 173 -17.25 14.56 12.81
CA GLY A 173 -16.54 15.83 12.77
C GLY A 173 -15.82 16.13 11.47
N GLY A 174 -15.86 15.24 10.49
CA GLY A 174 -15.04 15.37 9.30
C GLY A 174 -15.79 16.03 8.14
N ASP A 175 -15.01 16.66 7.27
CA ASP A 175 -15.53 17.21 6.04
C ASP A 175 -15.37 16.19 4.92
N PRO A 176 -16.46 15.61 4.40
CA PRO A 176 -16.32 14.67 3.28
C PRO A 176 -15.74 15.29 2.02
N GLY A 177 -15.79 16.62 1.90
CA GLY A 177 -15.17 17.32 0.79
C GLY A 177 -13.69 17.63 0.96
N ASN A 178 -13.08 17.21 2.07
CA ASN A 178 -11.63 17.38 2.27
C ASN A 178 -11.03 16.05 2.74
N VAL A 179 -11.22 15.02 1.92
CA VAL A 179 -10.68 13.69 2.19
C VAL A 179 -9.36 13.51 1.45
N THR A 180 -8.32 13.13 2.20
CA THR A 180 -7.05 12.68 1.65
C THR A 180 -6.95 11.17 1.85
N VAL A 181 -6.86 10.42 0.76
CA VAL A 181 -6.59 8.98 0.84
C VAL A 181 -5.08 8.79 0.79
N PHE A 182 -4.55 7.89 1.61
CA PHE A 182 -3.12 7.58 1.54
C PHE A 182 -2.86 6.12 1.87
N GLY A 183 -1.73 5.61 1.38
CA GLY A 183 -1.39 4.22 1.59
C GLY A 183 0.10 4.04 1.36
N GLU A 184 0.59 2.88 1.76
CA GLU A 184 1.97 2.53 1.51
C GLU A 184 2.02 1.18 0.81
N SER A 185 2.89 1.08 -0.20
CA SER A 185 3.13 -0.16 -0.93
C SER A 185 1.83 -0.62 -1.58
N ALA A 186 1.28 -1.79 -1.26
CA ALA A 186 0.03 -2.21 -1.92
C ALA A 186 -1.09 -1.21 -1.68
N GLY A 187 -1.11 -0.54 -0.53
CA GLY A 187 -2.08 0.51 -0.31
C GLY A 187 -1.87 1.70 -1.22
N ALA A 188 -0.61 2.03 -1.55
CA ALA A 188 -0.37 3.13 -2.49
C ALA A 188 -0.68 2.72 -3.93
N MET A 189 -0.29 1.51 -4.33
CA MET A 189 -0.76 1.00 -5.61
C MET A 189 -2.29 0.97 -5.69
N SER A 190 -2.97 0.69 -4.57
CA SER A 190 -4.43 0.75 -4.57
C SER A 190 -4.93 2.16 -4.82
N VAL A 191 -4.27 3.16 -4.21
CA VAL A 191 -4.68 4.55 -4.43
C VAL A 191 -4.57 4.90 -5.92
N CYS A 192 -3.44 4.54 -6.56
CA CYS A 192 -3.31 4.81 -8.01
C CYS A 192 -4.36 4.08 -8.81
N THR A 193 -4.71 2.87 -8.40
CA THR A 193 -5.77 2.14 -9.09
C THR A 193 -7.11 2.84 -8.94
N LEU A 194 -7.39 3.37 -7.75
CA LEU A 194 -8.63 4.10 -7.52
C LEU A 194 -8.66 5.43 -8.26
N MET A 195 -7.53 6.14 -8.29
CA MET A 195 -7.47 7.37 -9.08
C MET A 195 -7.87 7.11 -10.52
N ALA A 196 -7.61 5.90 -11.02
CA ALA A 196 -7.70 5.56 -12.43
C ALA A 196 -9.10 5.15 -12.86
N THR A 197 -10.01 4.86 -11.93
CA THR A 197 -11.29 4.33 -12.36
C THR A 197 -12.41 5.30 -12.05
N PRO A 198 -13.32 5.54 -13.01
CA PRO A 198 -14.48 6.43 -12.75
C PRO A 198 -15.29 5.99 -11.54
N ARG A 199 -15.18 4.70 -11.21
CA ARG A 199 -15.98 4.12 -10.13
C ARG A 199 -15.70 4.74 -8.78
N ALA A 200 -14.61 5.48 -8.63
CA ALA A 200 -14.25 6.07 -7.36
C ALA A 200 -14.07 7.59 -7.43
N ARG A 201 -14.50 8.25 -8.51
CA ARG A 201 -14.30 9.69 -8.55
C ARG A 201 -15.12 10.36 -7.46
N GLY A 202 -14.58 11.47 -6.96
CA GLY A 202 -15.17 12.22 -5.89
C GLY A 202 -15.07 11.59 -4.52
N LEU A 203 -14.37 10.47 -4.37
CA LEU A 203 -14.25 9.88 -3.05
C LEU A 203 -13.07 10.42 -2.27
N PHE A 204 -12.23 11.25 -2.90
CA PHE A 204 -11.14 11.88 -2.19
C PHE A 204 -10.66 13.07 -2.99
N ARG A 205 -10.10 14.03 -2.28
CA ARG A 205 -9.64 15.28 -2.88
C ARG A 205 -8.14 15.32 -3.08
N ARG A 206 -7.41 14.56 -2.26
CA ARG A 206 -5.95 14.50 -2.31
C ARG A 206 -5.51 13.05 -2.12
N ALA A 207 -4.29 12.75 -2.54
CA ALA A 207 -3.76 11.40 -2.43
C ALA A 207 -2.31 11.49 -1.96
N ILE A 208 -1.89 10.56 -1.10
CA ILE A 208 -0.48 10.40 -0.76
C ILE A 208 -0.05 8.99 -1.11
N LEU A 209 1.01 8.88 -1.92
CA LEU A 209 1.53 7.60 -2.40
C LEU A 209 2.87 7.35 -1.73
N GLN A 210 2.90 6.45 -0.74
CA GLN A 210 4.14 6.08 -0.09
C GLN A 210 4.64 4.74 -0.65
N SER A 211 5.68 4.78 -1.47
CA SER A 211 6.29 3.55 -2.01
C SER A 211 5.29 2.69 -2.77
N GLY A 212 4.56 3.31 -3.69
CA GLY A 212 3.71 2.54 -4.57
C GLY A 212 3.20 3.39 -5.71
N ALA A 213 3.11 2.80 -6.91
CA ALA A 213 2.72 3.61 -8.06
C ALA A 213 1.67 2.88 -8.90
N GLY A 214 1.64 3.13 -10.21
CA GLY A 214 0.60 2.60 -11.06
C GLY A 214 1.01 1.46 -11.98
N ASN A 215 2.02 0.70 -11.56
CA ASN A 215 2.61 -0.35 -12.39
C ASN A 215 2.17 -1.77 -12.04
N MET A 216 1.34 -1.94 -11.00
CA MET A 216 1.08 -3.26 -10.41
C MET A 216 -0.30 -3.75 -10.83
N ALA A 217 -0.34 -4.56 -11.88
CA ALA A 217 -1.58 -5.22 -12.28
C ALA A 217 -1.23 -6.61 -12.79
N VAL A 218 -2.16 -7.54 -12.59
CA VAL A 218 -2.00 -8.90 -13.07
C VAL A 218 -2.74 -9.02 -14.40
N ALA A 219 -2.02 -9.44 -15.44
CA ALA A 219 -2.66 -9.67 -16.72
C ALA A 219 -3.68 -10.79 -16.59
N ALA A 220 -4.85 -10.60 -17.23
CA ALA A 220 -5.95 -11.54 -17.09
C ALA A 220 -5.51 -12.96 -17.42
N GLU A 221 -4.65 -13.14 -18.43
CA GLU A 221 -4.22 -14.49 -18.76
C GLU A 221 -3.33 -15.07 -17.67
N ASP A 222 -2.55 -14.24 -16.98
CA ASP A 222 -1.75 -14.72 -15.85
C ASP A 222 -2.63 -15.06 -14.64
N ALA A 223 -3.61 -14.20 -14.34
CA ALA A 223 -4.51 -14.48 -13.22
C ALA A 223 -5.25 -15.80 -13.41
N THR A 224 -5.59 -16.14 -14.65
CA THR A 224 -6.20 -17.44 -14.93
C THR A 224 -5.23 -18.58 -14.63
N THR A 225 -3.96 -18.42 -14.98
CA THR A 225 -2.97 -19.45 -14.67
C THR A 225 -2.86 -19.62 -13.16
N ILE A 226 -2.78 -18.50 -12.44
CA ILE A 226 -2.68 -18.55 -10.98
C ILE A 226 -3.87 -19.26 -10.36
N ALA A 227 -5.08 -18.96 -10.84
CA ALA A 227 -6.24 -19.68 -10.32
C ALA A 227 -6.15 -21.18 -10.61
N ALA A 228 -5.73 -21.56 -11.82
CA ALA A 228 -5.68 -22.98 -12.18
C ALA A 228 -4.69 -23.75 -11.31
N VAL A 229 -3.54 -23.16 -11.00
CA VAL A 229 -2.58 -23.84 -10.13
C VAL A 229 -3.16 -23.97 -8.72
N ILE A 230 -3.78 -22.90 -8.21
CA ILE A 230 -4.40 -22.95 -6.87
C ILE A 230 -5.45 -24.06 -6.81
N ALA A 231 -6.32 -24.12 -7.81
CA ALA A 231 -7.39 -25.11 -7.76
C ALA A 231 -6.84 -26.53 -7.88
N HIS A 232 -5.83 -26.73 -8.73
CA HIS A 232 -5.23 -28.05 -8.88
C HIS A 232 -4.66 -28.53 -7.55
N ARG A 233 -3.94 -27.67 -6.85
CA ARG A 233 -3.34 -28.09 -5.58
C ARG A 233 -4.39 -28.30 -4.50
N LEU A 234 -5.57 -27.72 -4.67
CA LEU A 234 -6.68 -27.90 -3.74
C LEU A 234 -7.58 -29.07 -4.15
N GLY A 235 -7.32 -29.67 -5.30
CA GLY A 235 -8.15 -30.76 -5.78
C GLY A 235 -9.54 -30.37 -6.20
N VAL A 236 -9.76 -29.14 -6.65
CA VAL A 236 -11.09 -28.64 -7.00
C VAL A 236 -11.00 -27.84 -8.29
N GLU A 237 -12.12 -27.31 -8.70
CA GLU A 237 -12.27 -26.54 -9.92
C GLU A 237 -11.89 -25.08 -9.65
N PRO A 238 -11.30 -24.38 -10.64
CA PRO A 238 -10.96 -22.95 -10.46
C PRO A 238 -12.17 -22.04 -10.63
N THR A 239 -13.11 -22.15 -9.70
CA THR A 239 -14.30 -21.33 -9.67
C THR A 239 -14.55 -20.88 -8.25
N ALA A 240 -15.32 -19.79 -8.13
CA ALA A 240 -15.82 -19.43 -6.81
C ALA A 240 -16.76 -20.49 -6.27
N ALA A 241 -17.54 -21.13 -7.14
CA ALA A 241 -18.43 -22.21 -6.70
C ALA A 241 -17.69 -23.28 -5.92
N ALA A 242 -16.43 -23.54 -6.29
CA ALA A 242 -15.63 -24.57 -5.64
C ALA A 242 -14.82 -24.03 -4.47
N LEU A 243 -14.17 -22.88 -4.64
CA LEU A 243 -13.35 -22.33 -3.57
C LEU A 243 -14.19 -21.81 -2.40
N ALA A 244 -15.48 -21.58 -2.62
CA ALA A 244 -16.38 -21.20 -1.53
C ALA A 244 -16.35 -22.19 -0.37
N HIS A 245 -15.94 -23.44 -0.61
CA HIS A 245 -16.07 -24.50 0.40
C HIS A 245 -14.75 -24.94 1.00
N VAL A 246 -13.65 -24.36 0.56
CA VAL A 246 -12.32 -24.77 1.03
C VAL A 246 -12.10 -24.17 2.42
N PRO A 247 -11.67 -24.96 3.40
CA PRO A 247 -11.32 -24.37 4.70
C PRO A 247 -10.20 -23.37 4.53
N VAL A 248 -10.29 -22.25 5.27
CA VAL A 248 -9.44 -21.09 5.02
C VAL A 248 -7.98 -21.42 5.23
N ALA A 249 -7.66 -22.27 6.21
CA ALA A 249 -6.27 -22.66 6.43
C ALA A 249 -5.69 -23.37 5.21
N GLN A 250 -6.51 -24.14 4.49
CA GLN A 250 -6.01 -24.75 3.25
C GLN A 250 -5.81 -23.70 2.15
N LEU A 251 -6.75 -22.75 2.05
CA LEU A 251 -6.59 -21.63 1.13
C LEU A 251 -5.29 -20.90 1.39
N LEU A 252 -5.03 -20.58 2.65
CA LEU A 252 -3.85 -19.81 3.01
C LEU A 252 -2.56 -20.57 2.73
N ASP A 253 -2.53 -21.86 3.06
CA ASP A 253 -1.35 -22.70 2.81
C ASP A 253 -0.98 -22.72 1.33
N VAL A 254 -1.96 -22.94 0.46
CA VAL A 254 -1.69 -22.89 -0.97
C VAL A 254 -1.33 -21.48 -1.42
N GLN A 255 -2.03 -20.48 -0.88
CA GLN A 255 -1.70 -19.10 -1.24
C GLN A 255 -0.25 -18.78 -0.91
N GLN A 256 0.21 -19.26 0.25
CA GLN A 256 1.60 -19.07 0.68
C GLN A 256 2.57 -19.70 -0.33
N GLN A 257 2.30 -20.93 -0.75
CA GLN A 257 3.22 -21.56 -1.69
C GLN A 257 3.26 -20.83 -3.03
N VAL A 258 2.12 -20.34 -3.51
CA VAL A 258 2.13 -19.61 -4.77
C VAL A 258 3.02 -18.40 -4.65
N ALA A 259 2.88 -17.66 -3.55
CA ALA A 259 3.62 -16.42 -3.41
C ALA A 259 5.11 -16.67 -3.31
N GLN A 260 5.52 -17.67 -2.52
CA GLN A 260 6.93 -18.05 -2.46
C GLN A 260 7.48 -18.43 -3.83
N GLU A 261 6.72 -19.20 -4.60
CA GLU A 261 7.20 -19.70 -5.88
C GLU A 261 7.41 -18.56 -6.89
N ILE A 262 6.51 -17.58 -6.88
CA ILE A 262 6.59 -16.48 -7.84
C ILE A 262 7.65 -15.47 -7.43
N GLN A 263 7.82 -15.24 -6.12
CA GLN A 263 8.86 -14.33 -5.67
C GLN A 263 10.26 -14.90 -5.95
N GLY A 264 10.38 -16.22 -6.08
CA GLY A 264 11.64 -16.85 -6.46
C GLY A 264 11.85 -16.97 -7.96
N ALA A 265 12.14 -18.18 -8.44
CA ALA A 265 12.30 -18.45 -9.88
C ALA A 265 11.28 -19.50 -10.26
N PRO A 266 10.10 -19.09 -10.77
CA PRO A 266 9.01 -20.04 -11.00
C PRO A 266 9.41 -21.15 -11.95
N ASP A 267 8.85 -22.34 -11.73
CA ASP A 267 9.17 -23.50 -12.57
C ASP A 267 8.28 -23.47 -13.81
N PRO A 268 8.85 -23.33 -15.01
CA PRO A 268 8.01 -23.27 -16.23
C PRO A 268 7.07 -24.44 -16.39
N ALA A 269 7.45 -25.63 -15.94
CA ALA A 269 6.56 -26.79 -16.03
C ALA A 269 5.24 -26.54 -15.30
N VAL A 270 5.27 -25.76 -14.22
CA VAL A 270 4.06 -25.51 -13.43
C VAL A 270 3.37 -24.22 -13.87
N TRP A 271 4.14 -23.19 -14.20
CA TRP A 271 3.65 -21.82 -14.29
C TRP A 271 3.56 -21.27 -15.70
N GLY A 272 3.94 -22.02 -16.72
CA GLY A 272 3.96 -21.50 -18.06
C GLY A 272 5.14 -20.56 -18.29
N GLU A 273 5.33 -20.22 -19.57
CA GLU A 273 6.46 -19.41 -20.03
C GLU A 273 6.41 -17.97 -19.51
N ARG A 274 5.23 -17.35 -19.56
CA ARG A 274 5.10 -15.97 -19.13
C ARG A 274 5.56 -15.81 -17.68
N ILE A 275 4.91 -16.52 -16.76
CA ILE A 275 5.19 -16.31 -15.34
C ILE A 275 6.61 -16.77 -15.00
N ALA A 276 7.03 -17.91 -15.53
CA ALA A 276 8.41 -18.33 -15.35
C ALA A 276 9.38 -17.27 -15.84
N GLY A 277 8.98 -16.49 -16.86
CA GLY A 277 9.79 -15.39 -17.34
C GLY A 277 9.67 -14.09 -16.57
N GLY A 278 8.76 -14.00 -15.61
CA GLY A 278 8.66 -12.85 -14.74
C GLY A 278 7.56 -11.87 -15.09
N SER A 279 6.52 -12.30 -15.82
CA SER A 279 5.43 -11.40 -16.16
C SER A 279 4.66 -10.92 -14.93
N VAL A 280 4.78 -11.60 -13.79
CA VAL A 280 4.00 -11.28 -12.59
C VAL A 280 4.94 -10.83 -11.48
N LEU A 281 4.79 -9.59 -11.02
CA LEU A 281 5.54 -9.16 -9.84
C LEU A 281 4.83 -9.56 -8.55
N LEU A 282 3.52 -9.32 -8.48
CA LEU A 282 2.74 -9.70 -7.31
C LEU A 282 1.57 -10.55 -7.80
N PRO A 283 1.46 -11.82 -7.41
CA PRO A 283 0.41 -12.68 -7.97
C PRO A 283 -0.98 -12.37 -7.47
N PHE A 284 -1.14 -11.61 -6.40
CA PHE A 284 -2.48 -11.22 -5.98
C PHE A 284 -2.69 -9.70 -6.05
N ALA A 285 -1.90 -9.02 -6.88
CA ALA A 285 -2.22 -7.63 -7.22
C ALA A 285 -3.51 -7.60 -8.03
N PRO A 286 -4.13 -6.43 -8.21
CA PRO A 286 -5.38 -6.38 -8.96
C PRO A 286 -5.21 -6.84 -10.40
N VAL A 287 -6.22 -7.57 -10.90
CA VAL A 287 -6.23 -8.08 -12.26
C VAL A 287 -6.83 -7.04 -13.18
N ILE A 288 -6.33 -6.99 -14.42
CA ILE A 288 -6.93 -6.17 -15.46
C ILE A 288 -8.24 -6.84 -15.88
N ASP A 289 -9.37 -6.24 -15.50
CA ASP A 289 -10.68 -6.88 -15.67
C ASP A 289 -11.55 -6.22 -16.73
N GLY A 290 -11.12 -5.09 -17.29
CA GLY A 290 -12.01 -4.36 -18.17
C GLY A 290 -13.19 -3.73 -17.44
N GLU A 291 -13.20 -3.79 -16.11
CA GLU A 291 -14.18 -3.07 -15.31
C GLU A 291 -13.48 -2.00 -14.47
N LEU A 292 -12.85 -2.42 -13.36
CA LEU A 292 -12.13 -1.47 -12.54
C LEU A 292 -10.80 -1.09 -13.19
N LEU A 293 -10.13 -2.05 -13.81
CA LEU A 293 -8.89 -1.83 -14.55
C LEU A 293 -9.09 -2.28 -15.97
N SER A 294 -9.02 -1.34 -16.92
CA SER A 294 -8.90 -1.69 -18.32
C SER A 294 -7.47 -1.57 -18.81
N GLN A 295 -6.60 -1.00 -17.99
CA GLN A 295 -5.17 -0.91 -18.29
C GLN A 295 -4.44 -0.74 -16.97
N ARG A 296 -3.11 -0.76 -17.03
CA ARG A 296 -2.32 -0.42 -15.85
C ARG A 296 -2.65 1.00 -15.39
N PRO A 297 -2.84 1.21 -14.08
CA PRO A 297 -3.21 2.55 -13.59
C PRO A 297 -2.32 3.66 -14.09
N ALA A 298 -1.01 3.42 -14.25
CA ALA A 298 -0.13 4.48 -14.75
C ALA A 298 -0.57 4.96 -16.14
N GLU A 299 -1.10 4.07 -16.96
CA GLU A 299 -1.52 4.47 -18.30
C GLU A 299 -2.85 5.23 -18.27
N ALA A 300 -3.76 4.85 -17.38
CA ALA A 300 -4.96 5.68 -17.19
C ALA A 300 -4.57 7.08 -16.70
N ILE A 301 -3.61 7.16 -15.78
CA ILE A 301 -3.20 8.46 -15.25
C ILE A 301 -2.50 9.28 -16.34
N ALA A 302 -1.70 8.62 -17.19
CA ALA A 302 -1.14 9.29 -18.37
C ALA A 302 -2.23 9.88 -19.26
N GLY A 303 -3.42 9.28 -19.27
CA GLY A 303 -4.58 9.77 -20.00
C GLY A 303 -5.40 10.83 -19.29
N GLY A 304 -4.95 11.32 -18.14
CA GLY A 304 -5.65 12.37 -17.43
C GLY A 304 -6.43 11.92 -16.21
N ALA A 305 -6.36 10.65 -15.85
CA ALA A 305 -7.10 10.15 -14.70
C ALA A 305 -6.44 10.66 -13.43
N GLY A 306 -7.23 11.35 -12.59
CA GLY A 306 -6.74 11.85 -11.33
C GLY A 306 -6.10 13.23 -11.37
N HIS A 307 -6.09 13.89 -12.53
CA HIS A 307 -5.37 15.15 -12.66
C HIS A 307 -5.96 16.27 -11.81
N ASP A 308 -7.14 16.08 -11.20
CA ASP A 308 -7.78 17.07 -10.35
C ASP A 308 -7.52 16.81 -8.87
N VAL A 309 -6.79 15.73 -8.55
CA VAL A 309 -6.48 15.30 -7.19
C VAL A 309 -5.07 15.80 -6.86
N ASP A 310 -4.92 16.58 -5.79
CA ASP A 310 -3.58 16.95 -5.32
C ASP A 310 -2.78 15.69 -4.99
N LEU A 311 -1.48 15.71 -5.27
CA LEU A 311 -0.69 14.50 -5.10
C LEU A 311 0.59 14.76 -4.33
N LEU A 312 0.82 13.97 -3.27
CA LEU A 312 2.10 13.86 -2.61
C LEU A 312 2.60 12.44 -2.80
N PHE A 313 3.85 12.28 -3.25
CA PHE A 313 4.40 10.95 -3.58
C PHE A 313 5.84 10.83 -3.11
N GLY A 314 6.27 9.60 -2.83
CA GLY A 314 7.67 9.38 -2.51
C GLY A 314 8.05 7.92 -2.36
N THR A 315 9.36 7.70 -2.22
CA THR A 315 9.95 6.38 -1.99
C THR A 315 11.05 6.53 -0.96
N THR A 316 11.52 5.38 -0.47
CA THR A 316 12.71 5.28 0.37
C THR A 316 13.92 5.02 -0.52
N THR A 317 15.09 5.42 -0.03
CA THR A 317 16.30 5.36 -0.86
C THR A 317 16.62 3.94 -1.27
N ASP A 318 16.42 2.97 -0.37
CA ASP A 318 16.88 1.60 -0.57
C ASP A 318 15.74 0.60 -0.51
N GLU A 319 14.58 0.97 -1.07
CA GLU A 319 13.38 0.14 -1.05
C GLU A 319 13.62 -1.37 -1.03
N TYR A 320 14.20 -1.91 -2.11
CA TYR A 320 14.20 -3.35 -2.28
C TYR A 320 15.16 -4.08 -1.36
N ARG A 321 16.01 -3.36 -0.62
CA ARG A 321 16.88 -4.05 0.33
C ARG A 321 16.07 -4.82 1.37
N LEU A 322 14.82 -4.40 1.66
CA LEU A 322 13.98 -5.21 2.57
C LEU A 322 13.80 -6.64 2.06
N PHE A 323 13.65 -6.82 0.75
CA PHE A 323 13.36 -8.15 0.24
C PHE A 323 14.60 -8.95 -0.12
N LEU A 324 15.79 -8.34 -0.13
CA LEU A 324 17.00 -9.07 -0.53
C LEU A 324 18.03 -9.20 0.58
N ALA A 325 18.08 -8.24 1.52
CA ALA A 325 19.18 -8.19 2.48
C ALA A 325 18.99 -9.10 3.69
N PRO A 326 17.81 -9.14 4.33
CA PRO A 326 17.71 -9.90 5.59
C PRO A 326 17.98 -11.38 5.45
N THR A 327 17.90 -11.96 4.25
CA THR A 327 18.08 -13.39 4.06
C THR A 327 19.46 -13.74 3.53
N GLY A 328 20.45 -12.86 3.70
CA GLY A 328 21.80 -13.14 3.25
C GLY A 328 22.00 -13.31 1.77
N LEU A 329 21.02 -12.95 0.93
CA LEU A 329 21.14 -13.21 -0.50
C LEU A 329 22.27 -12.42 -1.16
N LEU A 330 22.58 -11.21 -0.67
CA LEU A 330 23.37 -10.24 -1.43
C LEU A 330 24.83 -10.62 -1.72
N PRO A 331 25.59 -11.21 -0.80
CA PRO A 331 27.02 -11.45 -1.09
C PRO A 331 27.27 -12.45 -2.22
N PHE A 332 26.32 -13.34 -2.48
CA PHE A 332 26.46 -14.34 -3.52
C PHE A 332 26.11 -13.85 -4.92
N ILE A 333 25.51 -12.68 -5.06
CA ILE A 333 25.13 -12.19 -6.38
C ILE A 333 26.39 -11.85 -7.17
N THR A 334 26.38 -12.21 -8.46
CA THR A 334 27.55 -12.09 -9.31
C THR A 334 27.34 -11.00 -10.36
N SER A 335 28.45 -10.48 -10.88
CA SER A 335 28.34 -9.48 -11.94
C SER A 335 27.58 -10.02 -13.14
N ASP A 336 27.83 -11.28 -13.54
CA ASP A 336 27.13 -11.82 -14.69
C ASP A 336 25.62 -11.91 -14.44
N TYR A 337 25.21 -12.11 -13.18
CA TYR A 337 23.78 -12.12 -12.90
C TYR A 337 23.17 -10.73 -13.07
N VAL A 338 23.85 -9.70 -12.58
CA VAL A 338 23.38 -8.32 -12.77
C VAL A 338 23.29 -7.99 -14.26
N THR A 339 24.34 -8.35 -15.01
CA THR A 339 24.32 -8.10 -16.46
C THR A 339 23.10 -8.76 -17.11
N ALA A 340 22.87 -10.03 -16.78
CA ALA A 340 21.70 -10.73 -17.32
C ALA A 340 20.41 -10.05 -16.88
N HIS A 341 20.36 -9.59 -15.63
CA HIS A 341 19.17 -8.87 -15.18
C HIS A 341 18.94 -7.63 -16.03
N LEU A 342 19.97 -6.80 -16.21
CA LEU A 342 19.82 -5.60 -17.02
C LEU A 342 19.41 -5.94 -18.45
N ALA A 343 19.92 -7.06 -18.99
CA ALA A 343 19.63 -7.46 -20.36
C ALA A 343 18.16 -7.84 -20.57
N LYS A 344 17.43 -8.22 -19.52
CA LYS A 344 15.99 -8.44 -19.67
C LYS A 344 15.25 -7.13 -19.90
N SER A 345 15.77 -6.03 -19.37
CA SER A 345 15.20 -4.72 -19.65
C SER A 345 15.81 -4.10 -20.90
N GLY A 346 16.75 -4.77 -21.55
CA GLY A 346 17.40 -4.25 -22.73
C GLY A 346 18.56 -3.33 -22.50
N LEU A 347 19.17 -3.36 -21.32
CA LEU A 347 20.25 -2.43 -21.00
C LEU A 347 21.59 -3.15 -21.05
N ASP A 348 22.63 -2.42 -21.48
CA ASP A 348 23.95 -2.99 -21.59
C ASP A 348 24.56 -3.22 -20.20
N ALA A 349 25.65 -4.00 -20.18
CA ALA A 349 26.32 -4.36 -18.93
C ALA A 349 26.84 -3.12 -18.21
N ASP A 350 27.28 -2.11 -18.95
CA ASP A 350 27.91 -0.97 -18.30
C ASP A 350 26.91 -0.10 -17.56
N ALA A 351 25.61 -0.34 -17.68
CA ALA A 351 24.66 0.44 -16.88
C ALA A 351 24.94 0.27 -15.40
N ALA A 352 25.56 -0.83 -15.00
CA ALA A 352 25.85 -1.04 -13.59
C ALA A 352 26.89 -0.07 -13.08
N LYS A 353 27.77 0.41 -13.96
CA LYS A 353 28.77 1.41 -13.55
C LYS A 353 28.12 2.72 -13.15
N ALA A 354 27.04 3.11 -13.84
CA ALA A 354 26.31 4.31 -13.44
C ALA A 354 25.85 4.20 -11.99
N TYR A 355 25.37 3.03 -11.59
CA TYR A 355 24.97 2.85 -10.19
C TYR A 355 26.17 3.01 -9.25
N THR A 356 27.29 2.39 -9.58
CA THR A 356 28.49 2.59 -8.75
C THR A 356 28.88 4.06 -8.70
N ALA A 357 28.88 4.74 -9.86
CA ALA A 357 29.30 6.14 -9.91
C ALA A 357 28.39 7.04 -9.06
N GLU A 358 27.12 6.68 -8.89
CA GLU A 358 26.22 7.51 -8.08
C GLU A 358 26.12 7.00 -6.64
N GLY A 359 27.03 6.12 -6.22
CA GLY A 359 27.05 5.66 -4.84
C GLY A 359 25.93 4.71 -4.49
N ARG A 360 25.38 4.02 -5.48
CA ARG A 360 24.25 3.13 -5.29
C ARG A 360 24.66 1.66 -5.28
N GLY A 361 25.93 1.38 -4.98
CA GLY A 361 26.41 0.02 -4.82
C GLY A 361 27.72 -0.26 -5.55
N GLU A 362 28.66 -0.92 -4.87
CA GLU A 362 29.89 -1.38 -5.52
C GLU A 362 29.91 -2.88 -5.79
N GLU A 363 29.32 -3.66 -4.90
CA GLU A 363 29.19 -5.10 -5.06
C GLU A 363 27.95 -5.45 -5.88
N PRO A 364 27.99 -6.55 -6.65
CA PRO A 364 26.85 -6.88 -7.51
C PRO A 364 25.53 -6.93 -6.79
N GLY A 365 25.52 -7.42 -5.54
CA GLY A 365 24.25 -7.55 -4.83
C GLY A 365 23.65 -6.21 -4.47
N ASP A 366 24.48 -5.28 -4.01
CA ASP A 366 24.00 -3.93 -3.71
C ASP A 366 23.55 -3.22 -4.96
N ILE A 367 24.28 -3.38 -6.07
CA ILE A 367 23.85 -2.77 -7.32
C ILE A 367 22.50 -3.32 -7.74
N LEU A 368 22.34 -4.65 -7.67
CA LEU A 368 21.06 -5.27 -8.00
C LEU A 368 19.91 -4.68 -7.18
N ALA A 369 20.11 -4.50 -5.88
CA ALA A 369 19.00 -3.99 -5.05
C ALA A 369 18.59 -2.60 -5.50
N SER A 370 19.58 -1.76 -5.88
CA SER A 370 19.27 -0.41 -6.35
C SER A 370 18.56 -0.45 -7.70
N ILE A 371 19.00 -1.34 -8.60
CA ILE A 371 18.33 -1.49 -9.89
C ILE A 371 16.86 -1.84 -9.70
N ILE A 372 16.58 -2.85 -8.88
CA ILE A 372 15.19 -3.27 -8.66
C ILE A 372 14.40 -2.18 -7.91
N THR A 373 15.03 -1.48 -6.97
CA THR A 373 14.39 -0.30 -6.37
C THR A 373 13.91 0.66 -7.46
N ASP A 374 14.77 0.94 -8.44
CA ASP A 374 14.37 1.84 -9.53
C ASP A 374 13.23 1.25 -10.36
N GLN A 375 13.30 -0.05 -10.69
CA GLN A 375 12.34 -0.63 -11.61
C GLN A 375 10.96 -0.76 -10.99
N VAL A 376 10.89 -1.06 -9.70
CA VAL A 376 9.60 -1.33 -9.08
C VAL A 376 9.01 -0.08 -8.44
N PHE A 377 9.84 0.82 -7.89
CA PHE A 377 9.36 1.95 -7.09
C PHE A 377 9.75 3.30 -7.68
N ARG A 378 11.04 3.61 -7.81
CA ARG A 378 11.43 5.00 -8.09
C ARG A 378 10.96 5.46 -9.46
N ILE A 379 11.33 4.73 -10.52
CA ILE A 379 10.89 5.14 -11.86
C ILE A 379 9.39 5.12 -12.02
N PRO A 380 8.64 4.09 -11.58
CA PRO A 380 7.18 4.17 -11.69
C PRO A 380 6.61 5.41 -10.99
N ALA A 381 7.15 5.80 -9.84
CA ALA A 381 6.63 6.99 -9.18
C ALA A 381 6.88 8.22 -10.03
N LEU A 382 8.08 8.33 -10.62
CA LEU A 382 8.41 9.49 -11.44
C LEU A 382 7.55 9.56 -12.71
N ARG A 383 7.15 8.41 -13.25
CA ARG A 383 6.30 8.42 -14.45
C ARG A 383 4.92 9.02 -14.16
N ILE A 384 4.35 8.68 -12.99
CA ILE A 384 3.10 9.33 -12.60
C ILE A 384 3.31 10.83 -12.50
N ALA A 385 4.41 11.24 -11.84
CA ALA A 385 4.69 12.67 -11.69
C ALA A 385 4.89 13.34 -13.04
N GLU A 386 5.66 12.72 -13.93
CA GLU A 386 5.86 13.28 -15.27
C GLU A 386 4.54 13.40 -16.02
N SER A 387 3.66 12.42 -15.85
CA SER A 387 2.34 12.45 -16.50
C SER A 387 1.49 13.65 -16.04
N ARG A 388 1.79 14.22 -14.88
CA ARG A 388 0.96 15.26 -14.29
C ARG A 388 1.52 16.67 -14.55
N VAL A 389 2.39 16.81 -15.55
CA VAL A 389 3.01 18.12 -15.82
C VAL A 389 1.96 19.20 -16.06
N ASP A 390 0.88 18.87 -16.77
CA ASP A 390 -0.15 19.83 -17.11
C ASP A 390 -1.41 19.65 -16.28
N ALA A 391 -1.30 18.95 -15.14
CA ALA A 391 -2.48 18.71 -14.33
C ALA A 391 -2.88 20.00 -13.61
N PRO A 392 -4.18 20.28 -13.48
CA PRO A 392 -4.57 21.47 -12.70
C PRO A 392 -4.23 21.35 -11.23
N ALA A 393 -4.27 20.14 -10.66
CA ALA A 393 -3.90 19.94 -9.26
C ALA A 393 -2.37 19.97 -9.10
N ARG A 394 -1.92 20.04 -7.85
CA ARG A 394 -0.49 20.15 -7.59
C ARG A 394 0.12 18.78 -7.33
N THR A 395 1.44 18.73 -7.42
CA THR A 395 2.21 17.50 -7.26
C THR A 395 3.49 17.82 -6.49
N PHE A 396 3.70 17.14 -5.36
CA PHE A 396 4.86 17.30 -4.51
C PHE A 396 5.53 15.94 -4.29
N GLY A 397 6.85 15.94 -4.15
CA GLY A 397 7.60 14.69 -3.99
C GLY A 397 8.50 14.69 -2.78
N TYR A 398 8.77 13.48 -2.28
CA TYR A 398 9.73 13.29 -1.19
C TYR A 398 10.61 12.07 -1.47
N GLU A 399 11.76 12.04 -0.80
CA GLU A 399 12.57 10.84 -0.67
C GLU A 399 12.80 10.64 0.83
N PHE A 400 12.46 9.46 1.34
CA PHE A 400 12.73 9.16 2.74
C PHE A 400 14.08 8.46 2.82
N ALA A 401 15.09 9.17 3.34
CA ALA A 401 16.48 8.74 3.25
C ALA A 401 17.04 8.18 4.55
N TRP A 402 16.37 8.37 5.69
CA TRP A 402 16.88 7.87 6.95
C TRP A 402 17.08 6.35 6.91
N ARG A 403 18.22 5.89 7.40
CA ARG A 403 18.61 4.48 7.32
C ARG A 403 18.36 3.82 8.67
N THR A 404 17.74 2.62 8.66
CA THR A 404 17.58 1.98 9.97
C THR A 404 18.87 1.26 10.37
N PRO A 405 19.16 1.21 11.67
CA PRO A 405 20.34 0.47 12.14
C PRO A 405 20.12 -1.02 12.32
N GLN A 406 18.92 -1.52 12.07
CA GLN A 406 18.60 -2.90 12.39
C GLN A 406 19.35 -3.88 11.50
N LEU A 407 19.52 -5.10 12.00
CA LEU A 407 20.28 -6.14 11.31
C LEU A 407 21.68 -5.64 10.96
N ASP A 408 22.30 -4.95 11.91
CA ASP A 408 23.68 -4.49 11.77
C ASP A 408 23.87 -3.58 10.55
N GLY A 409 22.87 -2.73 10.28
CA GLY A 409 23.02 -1.71 9.26
C GLY A 409 22.84 -2.17 7.84
N ILE A 410 22.38 -3.41 7.61
CA ILE A 410 22.31 -3.96 6.27
C ILE A 410 21.10 -3.51 5.47
N LEU A 411 20.10 -2.89 6.10
CA LEU A 411 18.88 -2.52 5.39
C LEU A 411 18.96 -1.14 4.75
N GLY A 412 19.70 -0.20 5.33
CA GLY A 412 19.67 1.14 4.77
C GLY A 412 18.29 1.78 4.98
N ALA A 413 17.88 2.61 4.02
CA ALA A 413 16.55 3.21 4.03
C ALA A 413 15.63 2.28 3.26
N CYS A 414 15.25 1.17 3.91
CA CYS A 414 14.54 0.10 3.24
C CYS A 414 13.03 0.36 3.18
N HIS A 415 12.36 -0.43 2.33
CA HIS A 415 10.91 -0.43 2.23
C HIS A 415 10.26 -0.51 3.60
N ALA A 416 9.24 0.33 3.81
CA ALA A 416 8.38 0.41 4.99
C ALA A 416 8.98 1.21 6.14
N VAL A 417 10.22 1.70 6.02
CA VAL A 417 10.89 2.32 7.16
C VAL A 417 10.23 3.64 7.57
N GLU A 418 9.51 4.32 6.68
CA GLU A 418 8.91 5.62 7.01
C GLU A 418 7.60 5.50 7.79
N LEU A 419 6.99 4.31 7.85
CA LEU A 419 5.65 4.19 8.42
C LEU A 419 5.54 4.73 9.85
N PRO A 420 6.35 4.29 10.82
CA PRO A 420 6.17 4.83 12.19
C PRO A 420 6.49 6.32 12.30
N PHE A 421 7.25 6.87 11.35
CA PHE A 421 7.49 8.32 11.35
C PHE A 421 6.23 9.07 10.92
N VAL A 422 5.54 8.56 9.89
CA VAL A 422 4.28 9.16 9.46
C VAL A 422 3.27 9.19 10.60
N PHE A 423 3.17 8.09 11.35
CA PHE A 423 2.14 7.93 12.36
C PHE A 423 2.60 8.33 13.76
N ARG A 424 3.86 8.74 13.90
CA ARG A 424 4.45 8.93 15.22
C ARG A 424 4.14 7.73 16.12
N THR A 425 4.52 6.56 15.62
CA THR A 425 4.38 5.30 16.35
C THR A 425 5.73 4.58 16.41
N LEU A 426 6.80 5.37 16.58
CA LEU A 426 8.16 4.84 16.61
C LEU A 426 8.31 3.76 17.68
N ASP A 427 7.65 3.94 18.83
CA ASP A 427 7.78 2.98 19.92
C ASP A 427 7.04 1.67 19.65
N ARG A 428 6.28 1.58 18.56
CA ARG A 428 5.65 0.32 18.20
C ARG A 428 6.36 -0.41 17.07
N ALA A 429 7.44 0.15 16.54
CA ALA A 429 8.13 -0.46 15.40
C ALA A 429 9.61 -0.67 15.67
N ALA A 430 9.96 -1.01 16.91
CA ALA A 430 11.37 -1.18 17.27
C ALA A 430 12.04 -2.29 16.45
N SER A 431 11.30 -3.32 16.03
CA SER A 431 11.91 -4.38 15.24
C SER A 431 12.42 -3.88 13.90
N LEU A 432 11.88 -2.78 13.39
CA LEU A 432 12.27 -2.27 12.09
C LEU A 432 13.18 -1.05 12.17
N VAL A 433 12.93 -0.14 13.11
CA VAL A 433 13.64 1.13 13.19
C VAL A 433 14.60 1.18 14.36
N GLY A 434 14.66 0.13 15.17
CA GLY A 434 15.51 0.17 16.34
C GLY A 434 14.83 0.80 17.53
N THR A 435 15.55 0.78 18.66
CA THR A 435 14.96 1.18 19.93
C THR A 435 15.06 2.66 20.21
N ASN A 436 15.91 3.41 19.51
CA ASN A 436 16.01 4.86 19.71
C ASN A 436 16.04 5.61 18.38
N PRO A 437 14.98 5.50 17.56
CA PRO A 437 14.90 6.32 16.34
C PRO A 437 14.64 7.78 16.68
N PRO A 438 14.93 8.72 15.76
CA PRO A 438 14.85 10.14 16.11
C PRO A 438 13.42 10.69 16.04
N GLU A 439 12.86 11.03 17.20
CA GLU A 439 11.51 11.60 17.26
C GLU A 439 11.36 12.88 16.45
N GLU A 440 12.41 13.71 16.39
CA GLU A 440 12.32 14.95 15.64
C GLU A 440 11.91 14.69 14.19
N LEU A 441 12.40 13.60 13.60
CA LEU A 441 12.08 13.28 12.21
C LEU A 441 10.63 12.82 12.09
N ALA A 442 10.15 12.02 13.04
CA ALA A 442 8.74 11.66 13.03
C ALA A 442 7.86 12.91 13.13
N GLU A 443 8.29 13.87 13.96
CA GLU A 443 7.58 15.15 14.04
C GLU A 443 7.53 15.85 12.68
N THR A 444 8.69 15.95 12.01
CA THR A 444 8.77 16.61 10.71
C THR A 444 7.86 15.95 9.69
N VAL A 445 7.98 14.61 9.55
CA VAL A 445 7.24 13.91 8.51
C VAL A 445 5.75 13.96 8.78
N HIS A 446 5.35 13.59 10.02
CA HIS A 446 3.92 13.61 10.39
C HIS A 446 3.30 15.00 10.19
N ASN A 447 4.03 16.06 10.53
CA ASN A 447 3.44 17.40 10.40
C ASN A 447 3.24 17.78 8.94
N ALA A 448 4.12 17.33 8.04
CA ALA A 448 3.94 17.64 6.63
C ALA A 448 2.76 16.88 6.06
N TRP A 449 2.50 15.68 6.55
CA TRP A 449 1.32 14.95 6.11
C TRP A 449 0.05 15.67 6.54
N VAL A 450 0.02 16.17 7.79
CA VAL A 450 -1.13 16.95 8.26
C VAL A 450 -1.28 18.24 7.45
N ARG A 451 -0.18 18.93 7.16
CA ARG A 451 -0.27 20.14 6.35
C ARG A 451 -0.83 19.82 4.97
N PHE A 452 -0.39 18.70 4.38
CA PHE A 452 -0.86 18.35 3.04
C PHE A 452 -2.33 17.98 3.05
N ALA A 453 -2.77 17.19 4.05
CA ALA A 453 -4.19 16.95 4.21
C ALA A 453 -4.98 18.25 4.40
N THR A 454 -4.47 19.15 5.22
CA THR A 454 -5.23 20.37 5.55
C THR A 454 -5.36 21.31 4.36
N SER A 455 -4.27 21.51 3.61
CA SER A 455 -4.21 22.58 2.64
C SER A 455 -3.89 22.14 1.22
N GLY A 456 -3.40 20.92 1.00
CA GLY A 456 -2.93 20.52 -0.31
C GLY A 456 -1.50 20.90 -0.62
N ASP A 457 -0.77 21.41 0.36
CA ASP A 457 0.63 21.81 0.21
C ASP A 457 1.39 21.31 1.43
N PRO A 458 2.39 20.45 1.25
CA PRO A 458 3.13 19.92 2.42
C PRO A 458 4.12 20.90 3.00
N GLY A 459 4.33 22.04 2.36
CA GLY A 459 5.26 23.02 2.87
C GLY A 459 6.60 23.05 2.18
N TRP A 460 6.67 22.75 0.89
CA TRP A 460 7.92 22.83 0.16
C TRP A 460 7.60 22.94 -1.32
N PRO A 461 8.57 23.32 -2.15
CA PRO A 461 8.25 23.60 -3.56
C PRO A 461 7.70 22.38 -4.28
N ALA A 462 6.79 22.65 -5.22
CA ALA A 462 6.13 21.61 -5.97
C ALA A 462 7.10 20.95 -6.95
N TRP A 463 6.77 19.72 -7.34
CA TRP A 463 7.59 18.94 -8.25
C TRP A 463 7.27 19.32 -9.69
N ASN A 464 8.32 19.47 -10.50
CA ASN A 464 8.17 19.74 -11.93
C ASN A 464 9.29 19.01 -12.66
N PRO A 465 9.15 18.77 -13.96
CA PRO A 465 10.18 18.01 -14.68
C PRO A 465 11.45 18.79 -14.98
N GLU A 466 11.55 20.09 -14.66
CA GLU A 466 12.83 20.76 -14.91
C GLU A 466 13.82 20.47 -13.80
N THR A 467 13.47 20.80 -12.57
CA THR A 467 14.37 20.65 -11.44
C THR A 467 14.13 19.37 -10.65
N ARG A 468 13.01 18.69 -10.87
CA ARG A 468 12.71 17.38 -10.26
C ARG A 468 12.98 17.40 -8.75
N SER A 469 12.47 18.44 -8.10
CA SER A 469 12.75 18.74 -6.70
C SER A 469 11.90 17.88 -5.76
N VAL A 470 12.53 17.30 -4.74
CA VAL A 470 11.82 16.57 -3.70
C VAL A 470 12.42 16.93 -2.36
N MET A 471 11.62 16.75 -1.30
CA MET A 471 12.10 16.92 0.06
C MET A 471 12.76 15.63 0.50
N ARG A 472 14.05 15.70 0.87
CA ARG A 472 14.81 14.53 1.31
C ARG A 472 14.75 14.46 2.84
N PHE A 473 13.90 13.57 3.37
CA PHE A 473 13.76 13.37 4.81
C PHE A 473 14.93 12.56 5.36
N ASP A 474 15.58 13.10 6.39
CA ASP A 474 16.69 12.43 7.06
C ASP A 474 16.79 13.02 8.45
N HIS A 475 17.58 12.36 9.31
CA HIS A 475 17.35 12.72 10.71
C HIS A 475 17.91 14.10 11.00
N PRO A 476 19.24 14.28 11.11
CA PRO A 476 19.69 15.62 11.53
C PRO A 476 19.04 16.67 10.66
N VAL A 477 19.14 16.51 9.34
CA VAL A 477 18.67 17.54 8.42
C VAL A 477 17.76 16.92 7.37
N SER A 478 16.53 17.40 7.27
CA SER A 478 15.66 17.18 6.12
C SER A 478 15.74 18.41 5.24
N GLU A 479 15.93 18.23 3.93
CA GLU A 479 16.12 19.38 3.06
C GLU A 479 15.81 19.02 1.61
N MET A 480 15.49 20.07 0.83
CA MET A 480 15.18 19.93 -0.60
C MET A 480 16.42 19.45 -1.36
N VAL A 481 16.21 18.59 -2.36
CA VAL A 481 17.25 18.25 -3.32
C VAL A 481 16.64 18.32 -4.72
N THR A 482 17.51 18.45 -5.74
CA THR A 482 17.08 18.48 -7.12
C THR A 482 17.56 17.22 -7.85
N ASP A 483 16.69 16.69 -8.70
CA ASP A 483 16.89 15.51 -9.53
C ASP A 483 17.91 14.55 -8.95
N PRO A 484 17.56 13.85 -7.88
CA PRO A 484 18.50 12.90 -7.29
C PRO A 484 18.72 11.72 -8.24
N TYR A 485 19.91 11.16 -8.17
CA TYR A 485 20.33 10.02 -8.99
C TYR A 485 20.00 10.23 -10.47
N PRO A 486 20.50 11.30 -11.10
CA PRO A 486 20.08 11.61 -12.48
C PRO A 486 20.58 10.63 -13.53
N ALA A 487 21.82 10.16 -13.42
CA ALA A 487 22.34 9.26 -14.46
C ALA A 487 21.61 7.93 -14.43
N THR A 488 21.44 7.33 -13.24
CA THR A 488 20.67 6.10 -13.16
C THR A 488 19.23 6.34 -13.59
N ARG A 489 18.67 7.53 -13.35
CA ARG A 489 17.32 7.79 -13.83
C ARG A 489 17.24 7.72 -15.35
N ALA A 490 18.19 8.36 -16.04
CA ALA A 490 18.10 8.48 -17.49
C ALA A 490 18.24 7.15 -18.19
N LEU A 491 18.94 6.18 -17.57
CA LEU A 491 19.08 4.86 -18.16
C LEU A 491 17.73 4.24 -18.53
N TRP A 492 16.65 4.64 -17.84
CA TRP A 492 15.34 4.02 -18.01
C TRP A 492 14.44 4.82 -18.95
N ASP A 493 14.97 5.85 -19.61
CA ASP A 493 14.12 6.76 -20.38
C ASP A 493 13.34 6.04 -21.46
N GLY A 494 14.01 5.18 -22.24
CA GLY A 494 13.27 4.47 -23.25
C GLY A 494 12.61 3.19 -22.81
N VAL A 495 12.67 2.85 -21.52
CA VAL A 495 12.38 1.49 -21.08
C VAL A 495 11.02 1.35 -20.42
CA J1K B . 7.29 -6.77 -3.92
CB J1K B . 3.89 -4.50 0.20
C1 J1K B . 6.43 -6.18 -2.84
C2 J1K B . 6.22 -6.86 -1.65
C3 J1K B . 5.41 -6.31 -0.68
C4 J1K B . 4.79 -5.08 -0.85
C5 J1K B . 5.00 -4.42 -2.06
C6 J1K B . 5.81 -4.96 -3.03
C7 J1K B . 5.54 -4.45 2.01
C8 J1K B . 6.13 -5.69 2.65
N1B J1K B . 4.21 -4.72 1.47
O1A J1K B . 7.46 -6.10 -4.95
O2A J1K B . 7.78 -7.90 -3.72
O2B J1K B . 2.87 -3.90 -0.10
O9 J1K B . 5.42 -6.85 2.29
#